data_3OA1
#
_entry.id   3OA1
#
_cell.length_a   91.980
_cell.length_b   44.080
_cell.length_c   74.580
_cell.angle_alpha   90.00
_cell.angle_beta   127.80
_cell.angle_gamma   90.00
#
_symmetry.space_group_name_H-M   'C 1 2 1'
#
loop_
_entity.id
_entity.type
_entity.pdbx_description
1 polymer Phosphoprotein
2 non-polymer 'SULFATE ION'
3 water water
#
_entity_poly.entity_id   1
_entity_poly.type   'polypeptide(L)'
_entity_poly.pdbx_seq_one_letter_code
;MAKVGEGKYREDFQMDEGEDPSLLFQSYLDNVGVQIVRQIRSGERFLKIWSQTVEEIISYVAVNFPNPPGKSSEDKSTQT
TGRELKKETTPTPSQRESQSSKARMAAQTASGPPALEWSATNEEDDLSVEAEIAHQIAESFSKKYKFPSRSSGILLYNFE
QLKMNLDDIVKEAKNVPGVTRLARDGSKLPLRCVLGWVALANSKKFQLLVESNKLSKIMQDDLNRYTSC
;
_entity_poly.pdbx_strand_id   A,B
#
loop_
_chem_comp.id
_chem_comp.type
_chem_comp.name
_chem_comp.formula
SO4 non-polymer 'SULFATE ION' 'O4 S -2'
#
# COMPACT_ATOMS: atom_id res chain seq x y z
N GLU A 124 8.44 31.50 4.64
CA GLU A 124 6.96 31.57 4.44
C GLU A 124 6.44 30.18 4.09
N ASP A 125 7.00 29.65 3.02
CA ASP A 125 6.72 28.30 2.63
C ASP A 125 7.19 27.35 3.72
N ASP A 126 8.45 27.54 4.13
CA ASP A 126 9.07 26.74 5.17
C ASP A 126 8.21 26.70 6.45
N LEU A 127 7.84 27.88 6.94
CA LEU A 127 6.92 28.02 8.06
C LEU A 127 5.61 27.20 7.91
N SER A 128 5.02 27.22 6.72
CA SER A 128 3.77 26.49 6.50
CA SER A 128 3.77 26.50 6.45
C SER A 128 3.99 24.99 6.52
N VAL A 129 5.06 24.53 5.84
CA VAL A 129 5.46 23.12 5.79
C VAL A 129 5.69 22.60 7.22
N GLU A 130 6.52 23.31 7.99
CA GLU A 130 6.81 22.93 9.37
C GLU A 130 5.62 22.89 10.30
N ALA A 131 4.73 23.89 10.22
CA ALA A 131 3.48 23.87 11.04
C ALA A 131 2.59 22.72 10.65
N GLU A 132 2.57 22.39 9.35
CA GLU A 132 1.72 21.28 8.90
C GLU A 132 2.24 19.98 9.47
N ILE A 133 3.55 19.73 9.32
CA ILE A 133 4.18 18.52 9.86
C ILE A 133 4.04 18.44 11.40
N ALA A 134 4.39 19.52 12.09
CA ALA A 134 4.25 19.61 13.55
C ALA A 134 2.80 19.32 13.99
N HIS A 135 1.85 19.83 13.24
CA HIS A 135 0.48 19.67 13.60
C HIS A 135 0.12 18.19 13.54
N GLN A 136 0.52 17.54 12.46
CA GLN A 136 0.13 16.13 12.27
C GLN A 136 0.84 15.16 13.26
N ILE A 137 2.13 15.43 13.50
CA ILE A 137 2.91 14.64 14.45
C ILE A 137 2.39 14.84 15.88
N ALA A 138 2.11 16.09 16.24
CA ALA A 138 1.57 16.40 17.57
C ALA A 138 0.23 15.67 17.77
N GLU A 139 -0.63 15.73 16.76
CA GLU A 139 -1.94 15.08 16.82
C GLU A 139 -1.82 13.54 17.05
N SER A 140 -0.83 12.89 16.43
CA SER A 140 -0.66 11.44 16.62
C SER A 140 0.61 11.10 17.40
N PHE A 141 1.00 11.95 18.36
CA PHE A 141 2.26 11.76 19.07
C PHE A 141 2.40 10.44 19.81
N SER A 142 1.31 9.95 20.40
CA SER A 142 1.37 8.69 21.15
C SER A 142 0.70 7.49 20.44
N LYS A 143 0.20 7.68 19.22
CA LYS A 143 -0.39 6.56 18.45
C LYS A 143 0.67 5.47 18.18
N LYS A 144 0.37 4.24 18.54
CA LYS A 144 1.30 3.11 18.34
C LYS A 144 1.22 2.65 16.88
N TYR A 145 2.33 2.79 16.15
CA TYR A 145 2.42 2.28 14.78
C TYR A 145 3.15 0.94 14.76
N LYS A 146 2.88 0.15 13.74
CA LYS A 146 3.46 -1.20 13.58
C LYS A 146 4.63 -1.28 12.62
N PHE A 147 5.71 -1.90 13.11
CA PHE A 147 6.94 -2.04 12.36
C PHE A 147 7.36 -3.52 12.40
N PRO A 148 8.01 -4.04 11.34
CA PRO A 148 8.48 -5.44 11.40
C PRO A 148 9.68 -5.62 12.34
N SER A 149 9.67 -6.65 13.17
CA SER A 149 10.80 -6.91 14.07
C SER A 149 11.69 -8.03 13.57
N ARG A 150 12.92 -8.05 14.05
CA ARG A 150 13.85 -9.11 13.68
C ARG A 150 13.41 -10.47 14.18
N SER A 151 12.74 -10.53 15.32
CA SER A 151 12.32 -11.81 15.91
C SER A 151 10.80 -12.00 15.88
N ILE A 154 5.79 -8.16 15.99
CA ILE A 154 5.50 -6.76 15.62
C ILE A 154 6.12 -5.81 16.65
N LEU A 155 6.87 -4.83 16.14
CA LEU A 155 7.43 -3.81 17.00
C LEU A 155 6.42 -2.66 17.03
N LEU A 156 5.93 -2.31 18.21
CA LEU A 156 5.05 -1.16 18.33
C LEU A 156 5.87 0.06 18.74
N TYR A 157 5.57 1.21 18.19
CA TYR A 157 6.38 2.39 18.50
C TYR A 157 5.58 3.66 18.31
N ASN A 158 5.86 4.67 19.10
CA ASN A 158 5.30 5.97 18.85
C ASN A 158 6.38 7.06 18.80
N PHE A 159 5.96 8.25 18.36
CA PHE A 159 6.81 9.46 18.40
C PHE A 159 7.31 9.79 19.80
N GLU A 160 6.47 9.59 20.82
CA GLU A 160 6.83 9.90 22.19
C GLU A 160 8.08 9.12 22.60
N GLN A 161 8.12 7.85 22.21
CA GLN A 161 9.25 6.95 22.49
C GLN A 161 10.61 7.42 21.94
N LEU A 162 10.61 8.25 20.91
CA LEU A 162 11.86 8.81 20.40
C LEU A 162 12.64 9.56 21.48
N LYS A 163 11.92 10.15 22.43
CA LYS A 163 12.49 11.08 23.39
C LYS A 163 13.26 12.16 22.62
N MET A 164 12.67 12.63 21.52
CA MET A 164 13.23 13.78 20.79
C MET A 164 12.30 15.01 20.95
N ASN A 165 12.86 16.22 20.96
CA ASN A 165 12.01 17.42 20.92
C ASN A 165 11.25 17.43 19.63
N LEU A 166 10.06 17.99 19.66
CA LEU A 166 9.22 18.08 18.50
C LEU A 166 9.92 18.75 17.30
N ASP A 167 10.63 19.86 17.51
CA ASP A 167 11.33 20.53 16.39
C ASP A 167 12.38 19.64 15.71
N ASP A 168 13.10 18.82 16.50
CA ASP A 168 14.09 17.87 16.00
C ASP A 168 13.38 16.77 15.22
N ILE A 169 12.21 16.37 15.68
CA ILE A 169 11.43 15.36 14.93
C ILE A 169 10.99 15.92 13.58
N VAL A 170 10.41 17.12 13.63
CA VAL A 170 9.96 17.84 12.43
C VAL A 170 11.10 18.04 11.38
N LYS A 171 12.27 18.54 11.85
CA LYS A 171 13.44 18.69 11.00
C LYS A 171 13.79 17.37 10.33
N GLU A 172 13.85 16.29 11.13
CA GLU A 172 14.14 14.97 10.62
C GLU A 172 13.08 14.45 9.61
N ALA A 173 11.81 14.72 9.87
CA ALA A 173 10.70 14.25 9.04
C ALA A 173 10.79 14.88 7.64
N LYS A 174 11.31 16.10 7.56
CA LYS A 174 11.53 16.80 6.27
C LYS A 174 12.47 16.11 5.27
N ASN A 175 13.36 15.26 5.77
CA ASN A 175 14.21 14.42 4.92
C ASN A 175 13.57 13.12 4.42
N VAL A 176 12.38 12.78 4.90
CA VAL A 176 11.67 11.66 4.32
C VAL A 176 11.22 12.11 2.91
N PRO A 177 11.69 11.39 1.86
CA PRO A 177 11.41 11.81 0.47
C PRO A 177 9.91 11.94 0.25
N GLY A 178 9.48 13.04 -0.35
CA GLY A 178 8.06 13.27 -0.62
C GLY A 178 7.25 13.94 0.49
N VAL A 179 7.78 13.95 1.72
CA VAL A 179 7.03 14.43 2.90
C VAL A 179 6.84 15.96 2.88
N THR A 180 7.92 16.67 2.63
CA THR A 180 7.85 18.12 2.50
C THR A 180 6.77 18.56 1.48
N ARG A 181 6.76 17.92 0.33
CA ARG A 181 5.78 18.25 -0.66
C ARG A 181 4.35 17.93 -0.20
N LEU A 182 4.15 16.76 0.41
CA LEU A 182 2.82 16.50 0.99
C LEU A 182 2.42 17.57 2.00
N ALA A 183 3.34 17.91 2.90
CA ALA A 183 3.05 18.90 3.94
C ALA A 183 2.71 20.29 3.35
N ARG A 184 3.48 20.71 2.35
CA ARG A 184 3.22 21.96 1.64
C ARG A 184 1.80 22.03 1.02
N ASP A 185 1.30 20.91 0.50
CA ASP A 185 -0.07 20.84 -0.03
C ASP A 185 -1.15 20.71 1.04
N GLY A 186 -0.74 20.55 2.31
CA GLY A 186 -1.70 20.32 3.39
C GLY A 186 -2.24 18.90 3.38
N SER A 187 -1.50 17.96 2.79
CA SER A 187 -2.02 16.60 2.68
C SER A 187 -1.70 15.74 3.89
N LYS A 188 -2.42 14.63 3.98
CA LYS A 188 -2.24 13.63 5.00
C LYS A 188 -0.84 12.98 4.85
N LEU A 189 -0.07 12.99 5.93
CA LEU A 189 1.28 12.40 5.90
C LEU A 189 1.28 10.91 6.19
N PRO A 190 2.25 10.17 5.60
CA PRO A 190 2.41 8.75 5.95
C PRO A 190 3.21 8.61 7.24
N LEU A 191 2.51 8.69 8.37
CA LEU A 191 3.16 8.89 9.68
C LEU A 191 3.90 7.69 10.20
N ARG A 192 3.35 6.48 9.93
CA ARG A 192 4.09 5.27 10.29
C ARG A 192 5.44 5.26 9.57
N CYS A 193 5.43 5.70 8.33
CA CYS A 193 6.64 5.76 7.53
C CYS A 193 7.62 6.80 8.10
N VAL A 194 7.10 8.00 8.38
CA VAL A 194 7.89 9.07 8.94
C VAL A 194 8.52 8.66 10.29
N LEU A 195 7.71 8.06 11.17
CA LEU A 195 8.20 7.56 12.46
C LEU A 195 9.31 6.51 12.26
N GLY A 196 9.05 5.54 11.42
CA GLY A 196 10.07 4.49 11.16
C GLY A 196 11.37 5.08 10.70
N TRP A 197 11.28 6.12 9.88
CA TRP A 197 12.48 6.73 9.31
C TRP A 197 13.23 7.53 10.38
N VAL A 198 12.49 8.33 11.14
CA VAL A 198 13.13 9.14 12.21
C VAL A 198 13.73 8.17 13.26
N ALA A 199 13.03 7.08 13.55
CA ALA A 199 13.49 6.14 14.61
C ALA A 199 14.73 5.40 14.12
N LEU A 200 14.67 4.93 12.87
CA LEU A 200 15.83 4.30 12.26
C LEU A 200 17.05 5.24 12.29
N ALA A 201 16.83 6.55 12.07
CA ALA A 201 17.95 7.52 12.01
C ALA A 201 18.42 7.97 13.37
N ASN A 202 17.64 7.69 14.42
CA ASN A 202 17.91 8.29 15.76
C ASN A 202 17.86 7.39 16.98
N SER A 203 17.08 6.30 16.92
CA SER A 203 16.91 5.44 18.10
C SER A 203 17.70 4.14 17.95
N LYS A 204 18.72 3.99 18.79
CA LYS A 204 19.56 2.79 18.85
C LYS A 204 18.69 1.56 19.17
N LYS A 205 17.74 1.71 20.10
CA LYS A 205 16.83 0.62 20.43
C LYS A 205 15.99 0.17 19.23
N PHE A 206 15.39 1.14 18.55
CA PHE A 206 14.59 0.83 17.40
C PHE A 206 15.43 0.12 16.33
N GLN A 207 16.65 0.64 16.12
CA GLN A 207 17.54 0.10 15.10
C GLN A 207 17.86 -1.38 15.41
N LEU A 208 18.03 -1.69 16.70
CA LEU A 208 18.32 -3.06 17.15
C LEU A 208 17.12 -3.98 16.95
N LEU A 209 15.92 -3.46 17.14
CA LEU A 209 14.77 -4.34 17.17
C LEU A 209 14.15 -4.57 15.81
N VAL A 210 14.37 -3.62 14.89
CA VAL A 210 13.62 -3.58 13.64
C VAL A 210 14.33 -4.43 12.57
N GLU A 211 13.52 -5.05 11.70
CA GLU A 211 14.04 -5.70 10.52
C GLU A 211 14.17 -4.64 9.42
N SER A 212 15.39 -4.16 9.13
CA SER A 212 15.56 -2.95 8.31
C SER A 212 15.22 -3.09 6.83
N ASN A 213 15.37 -4.28 6.28
CA ASN A 213 14.99 -4.50 4.89
C ASN A 213 13.48 -4.45 4.70
N LYS A 214 12.76 -5.14 5.60
CA LYS A 214 11.30 -5.14 5.62
C LYS A 214 10.77 -3.74 5.86
N LEU A 215 11.42 -3.02 6.77
CA LEU A 215 11.11 -1.63 7.04
C LEU A 215 11.17 -0.77 5.79
N SER A 216 12.30 -0.86 5.05
CA SER A 216 12.46 -0.12 3.80
CA SER A 216 12.48 -0.12 3.80
C SER A 216 11.34 -0.39 2.80
N LYS A 217 10.96 -1.66 2.65
CA LYS A 217 9.85 -1.98 1.73
C LYS A 217 8.52 -1.38 2.20
N ILE A 218 8.29 -1.40 3.52
CA ILE A 218 7.05 -0.89 4.03
C ILE A 218 7.03 0.64 3.84
N MET A 219 8.15 1.28 4.18
CA MET A 219 8.33 2.71 3.98
C MET A 219 8.12 3.10 2.53
N GLN A 220 8.75 2.39 1.60
CA GLN A 220 8.58 2.71 0.20
C GLN A 220 7.12 2.56 -0.24
N ASP A 221 6.46 1.48 0.18
CA ASP A 221 5.06 1.26 -0.23
C ASP A 221 4.10 2.34 0.33
N ASP A 222 4.27 2.69 1.61
CA ASP A 222 3.52 3.77 2.23
C ASP A 222 3.68 5.04 1.38
N LEU A 223 4.91 5.31 0.94
CA LEU A 223 5.23 6.50 0.16
C LEU A 223 4.57 6.44 -1.21
N ASN A 224 4.65 5.30 -1.89
CA ASN A 224 3.92 5.08 -3.14
C ASN A 224 2.43 5.35 -2.96
N ARG A 225 1.85 4.82 -1.89
CA ARG A 225 0.44 5.05 -1.61
C ARG A 225 0.06 6.51 -1.32
N TYR A 226 0.91 7.24 -0.60
CA TYR A 226 0.56 8.61 -0.19
C TYR A 226 0.92 9.73 -1.18
N THR A 227 1.84 9.48 -2.10
CA THR A 227 2.24 10.53 -3.02
C THR A 227 1.49 10.41 -4.35
N ASN B 122 -23.77 -9.04 -28.40
CA ASN B 122 -23.14 -9.26 -27.06
C ASN B 122 -22.19 -10.48 -27.00
N GLU B 123 -22.43 -11.50 -27.83
CA GLU B 123 -21.55 -12.69 -27.86
C GLU B 123 -20.15 -12.28 -28.33
N GLU B 124 -20.12 -11.54 -29.44
CA GLU B 124 -18.89 -11.01 -30.01
C GLU B 124 -18.10 -10.17 -29.00
N ASP B 125 -18.81 -9.30 -28.29
CA ASP B 125 -18.21 -8.42 -27.30
C ASP B 125 -17.73 -9.20 -26.06
N ASP B 126 -18.55 -10.14 -25.61
CA ASP B 126 -18.19 -11.02 -24.50
C ASP B 126 -16.85 -11.71 -24.83
N LEU B 127 -16.75 -12.27 -26.02
CA LEU B 127 -15.56 -13.01 -26.43
C LEU B 127 -14.29 -12.15 -26.47
N SER B 128 -14.42 -10.90 -26.92
CA SER B 128 -13.27 -10.00 -26.96
CA SER B 128 -13.29 -9.96 -26.97
C SER B 128 -12.83 -9.59 -25.56
N VAL B 129 -13.79 -9.22 -24.72
CA VAL B 129 -13.52 -8.84 -23.35
C VAL B 129 -12.82 -9.98 -22.57
N GLU B 130 -13.38 -11.19 -22.69
CA GLU B 130 -12.83 -12.38 -22.03
C GLU B 130 -11.40 -12.69 -22.49
N ALA B 131 -11.16 -12.67 -23.81
CA ALA B 131 -9.80 -12.86 -24.36
C ALA B 131 -8.83 -11.80 -23.90
N GLU B 132 -9.28 -10.54 -23.75
CA GLU B 132 -8.40 -9.46 -23.35
C GLU B 132 -7.97 -9.62 -21.90
N ILE B 133 -8.92 -9.94 -21.03
CA ILE B 133 -8.68 -10.16 -19.60
C ILE B 133 -7.77 -11.41 -19.43
N ALA B 134 -8.15 -12.52 -20.09
CA ALA B 134 -7.32 -13.73 -20.09
C ALA B 134 -5.88 -13.42 -20.55
N HIS B 135 -5.77 -12.58 -21.59
CA HIS B 135 -4.48 -12.25 -22.12
C HIS B 135 -3.65 -11.57 -21.03
N GLN B 136 -4.22 -10.56 -20.39
CA GLN B 136 -3.45 -9.78 -19.41
C GLN B 136 -3.10 -10.58 -18.15
N ILE B 137 -4.04 -11.39 -17.67
CA ILE B 137 -3.78 -12.28 -16.52
C ILE B 137 -2.68 -13.33 -16.83
N ALA B 138 -2.78 -13.97 -17.99
CA ALA B 138 -1.78 -14.96 -18.41
C ALA B 138 -0.40 -14.35 -18.40
N GLU B 139 -0.32 -13.12 -18.91
CA GLU B 139 0.94 -12.40 -19.06
C GLU B 139 1.58 -12.02 -17.71
N SER B 140 0.75 -11.74 -16.70
CA SER B 140 1.31 -11.36 -15.40
C SER B 140 0.98 -12.41 -14.34
N PHE B 141 0.80 -13.64 -14.81
CA PHE B 141 0.35 -14.72 -13.96
C PHE B 141 1.18 -14.99 -12.72
N SER B 142 2.50 -14.82 -12.82
CA SER B 142 3.39 -15.13 -11.70
CA SER B 142 3.38 -15.14 -11.69
C SER B 142 3.91 -13.88 -10.98
N LYS B 143 3.55 -12.71 -11.48
CA LYS B 143 3.98 -11.44 -10.90
C LYS B 143 3.42 -11.28 -9.46
N LYS B 144 4.31 -11.05 -8.49
CA LYS B 144 3.93 -10.91 -7.09
C LYS B 144 3.38 -9.50 -6.91
N TYR B 145 2.10 -9.36 -6.56
CA TYR B 145 1.59 -8.02 -6.24
C TYR B 145 1.58 -7.79 -4.74
N LYS B 146 1.46 -6.51 -4.37
CA LYS B 146 1.50 -6.10 -2.96
C LYS B 146 0.13 -5.79 -2.37
N PHE B 147 -0.13 -6.40 -1.23
CA PHE B 147 -1.39 -6.26 -0.51
C PHE B 147 -1.06 -5.94 0.96
N PRO B 148 -1.98 -5.26 1.67
CA PRO B 148 -1.79 -5.02 3.14
C PRO B 148 -2.03 -6.30 3.93
N SER B 149 -1.05 -6.71 4.73
CA SER B 149 -1.26 -7.88 5.61
C SER B 149 -2.01 -7.47 6.87
N ARG B 150 -2.54 -8.46 7.59
CA ARG B 150 -3.28 -8.22 8.84
C ARG B 150 -2.46 -7.36 9.77
N SER B 151 -1.14 -7.53 9.74
CA SER B 151 -0.24 -6.76 10.62
C SER B 151 0.18 -5.38 10.04
N SER B 152 -0.54 -4.93 9.01
CA SER B 152 -0.22 -3.72 8.22
CA SER B 152 -0.21 -3.69 8.26
C SER B 152 1.21 -3.72 7.67
N GLY B 153 1.72 -4.93 7.40
CA GLY B 153 2.93 -5.14 6.61
C GLY B 153 2.50 -5.35 5.15
N ILE B 154 3.37 -5.99 4.37
CA ILE B 154 3.08 -6.24 2.96
C ILE B 154 2.87 -7.74 2.75
N LEU B 155 1.74 -8.11 2.18
CA LEU B 155 1.46 -9.49 1.78
C LEU B 155 1.68 -9.58 0.28
N LEU B 156 2.57 -10.46 -0.17
CA LEU B 156 2.84 -10.63 -1.61
C LEU B 156 2.00 -11.79 -2.11
N TYR B 157 1.45 -11.65 -3.32
CA TYR B 157 0.59 -12.69 -3.86
C TYR B 157 0.53 -12.62 -5.40
N ASN B 158 0.38 -13.78 -6.05
CA ASN B 158 0.18 -13.81 -7.48
C ASN B 158 -1.06 -14.64 -7.87
N PHE B 159 -1.48 -14.52 -9.14
CA PHE B 159 -2.55 -15.33 -9.70
C PHE B 159 -2.28 -16.82 -9.58
N GLU B 160 -1.02 -17.21 -9.73
CA GLU B 160 -0.70 -18.62 -9.67
C GLU B 160 -1.16 -19.20 -8.33
N GLN B 161 -0.97 -18.43 -7.24
CA GLN B 161 -1.33 -18.91 -5.90
C GLN B 161 -2.83 -19.22 -5.70
N LEU B 162 -3.69 -18.60 -6.48
CA LEU B 162 -5.14 -18.89 -6.43
C LEU B 162 -5.47 -20.37 -6.53
N LYS B 163 -4.64 -21.10 -7.27
CA LYS B 163 -4.89 -22.50 -7.67
C LYS B 163 -6.21 -22.61 -8.40
N MET B 164 -6.51 -21.61 -9.21
CA MET B 164 -7.77 -21.56 -9.96
C MET B 164 -7.45 -21.65 -11.45
N ASN B 165 -8.35 -22.27 -12.19
CA ASN B 165 -8.31 -22.26 -13.66
C ASN B 165 -8.56 -20.85 -14.18
N LEU B 166 -7.93 -20.57 -15.31
CA LEU B 166 -7.95 -19.27 -15.89
C LEU B 166 -9.35 -18.71 -16.22
N ASP B 167 -10.22 -19.50 -16.84
CA ASP B 167 -11.62 -19.03 -17.10
C ASP B 167 -12.38 -18.68 -15.82
N ASP B 168 -12.17 -19.43 -14.74
CA ASP B 168 -12.71 -19.09 -13.42
C ASP B 168 -12.16 -17.72 -12.95
N ILE B 169 -10.90 -17.45 -13.22
CA ILE B 169 -10.30 -16.19 -12.74
C ILE B 169 -10.89 -15.07 -13.57
N VAL B 170 -10.90 -15.26 -14.88
CA VAL B 170 -11.51 -14.28 -15.80
C VAL B 170 -12.98 -13.96 -15.47
N LYS B 171 -13.78 -15.00 -15.24
CA LYS B 171 -15.21 -14.82 -14.90
C LYS B 171 -15.33 -13.92 -13.65
N GLU B 172 -14.53 -14.22 -12.63
CA GLU B 172 -14.51 -13.46 -11.37
C GLU B 172 -14.05 -12.01 -11.62
N ALA B 173 -13.07 -11.84 -12.49
CA ALA B 173 -12.46 -10.52 -12.72
C ALA B 173 -13.49 -9.51 -13.29
N LYS B 174 -14.43 -10.02 -14.08
CA LYS B 174 -15.52 -9.24 -14.68
C LYS B 174 -16.43 -8.53 -13.68
N ASN B 175 -16.43 -9.02 -12.43
CA ASN B 175 -17.22 -8.44 -11.36
C ASN B 175 -16.51 -7.27 -10.71
N VAL B 176 -15.22 -7.09 -11.03
CA VAL B 176 -14.55 -5.89 -10.58
C VAL B 176 -15.07 -4.66 -11.34
N PRO B 177 -15.63 -3.69 -10.60
CA PRO B 177 -16.27 -2.52 -11.22
C PRO B 177 -15.33 -1.81 -12.19
N GLY B 178 -15.75 -1.69 -13.45
CA GLY B 178 -14.97 -0.97 -14.43
C GLY B 178 -13.99 -1.84 -15.19
N VAL B 179 -13.79 -3.08 -14.76
CA VAL B 179 -12.83 -3.96 -15.42
C VAL B 179 -13.32 -4.36 -16.81
N THR B 180 -14.58 -4.76 -16.93
CA THR B 180 -15.16 -5.09 -18.25
C THR B 180 -14.97 -3.95 -19.27
N ARG B 181 -15.27 -2.71 -18.84
CA ARG B 181 -15.16 -1.56 -19.70
C ARG B 181 -13.71 -1.37 -20.17
N LEU B 182 -12.75 -1.39 -19.25
CA LEU B 182 -11.34 -1.32 -19.62
C LEU B 182 -10.95 -2.44 -20.58
N ALA B 183 -11.38 -3.66 -20.30
CA ALA B 183 -11.06 -4.78 -21.18
C ALA B 183 -11.66 -4.59 -22.57
N ARG B 184 -12.92 -4.16 -22.64
CA ARG B 184 -13.57 -3.82 -23.93
C ARG B 184 -12.78 -2.79 -24.77
N ASP B 185 -12.19 -1.81 -24.11
CA ASP B 185 -11.41 -0.79 -24.77
C ASP B 185 -9.97 -1.23 -25.05
N GLY B 186 -9.60 -2.45 -24.67
CA GLY B 186 -8.21 -2.90 -24.80
C GLY B 186 -7.23 -2.15 -23.89
N SER B 187 -7.73 -1.62 -22.77
CA SER B 187 -6.87 -0.85 -21.87
C SER B 187 -6.15 -1.76 -20.84
N LYS B 188 -5.01 -1.31 -20.35
CA LYS B 188 -4.31 -1.99 -19.30
C LYS B 188 -5.22 -2.13 -18.06
N LEU B 189 -5.26 -3.33 -17.47
CA LEU B 189 -6.12 -3.60 -16.31
C LEU B 189 -5.41 -3.30 -14.99
N PRO B 190 -6.18 -2.88 -13.98
CA PRO B 190 -5.51 -2.79 -12.66
C PRO B 190 -5.34 -4.20 -12.06
N LEU B 191 -4.24 -4.90 -12.35
CA LEU B 191 -4.16 -6.34 -11.99
C LEU B 191 -4.05 -6.65 -10.50
N ARG B 192 -3.38 -5.78 -9.75
CA ARG B 192 -3.25 -5.98 -8.32
C ARG B 192 -4.65 -5.91 -7.72
N CYS B 193 -5.43 -4.97 -8.21
CA CYS B 193 -6.79 -4.79 -7.74
C CYS B 193 -7.63 -6.04 -8.08
N VAL B 194 -7.54 -6.48 -9.33
CA VAL B 194 -8.25 -7.68 -9.83
C VAL B 194 -7.87 -8.91 -9.02
N LEU B 195 -6.56 -9.09 -8.78
CA LEU B 195 -6.11 -10.24 -8.00
C LEU B 195 -6.61 -10.16 -6.54
N GLY B 196 -6.55 -8.98 -5.95
CA GLY B 196 -7.04 -8.82 -4.54
C GLY B 196 -8.50 -9.21 -4.40
N TRP B 197 -9.29 -8.81 -5.38
CA TRP B 197 -10.71 -9.13 -5.42
C TRP B 197 -10.95 -10.62 -5.62
N VAL B 198 -10.36 -11.21 -6.65
CA VAL B 198 -10.56 -12.65 -6.92
C VAL B 198 -10.07 -13.46 -5.68
N ALA B 199 -8.93 -13.09 -5.08
CA ALA B 199 -8.40 -13.81 -3.91
C ALA B 199 -9.32 -13.68 -2.70
N LEU B 200 -9.74 -12.44 -2.41
CA LEU B 200 -10.72 -12.21 -1.36
C LEU B 200 -11.99 -13.07 -1.56
N ALA B 201 -12.41 -13.23 -2.80
CA ALA B 201 -13.66 -13.93 -3.06
C ALA B 201 -13.46 -15.45 -3.09
N ASN B 202 -12.21 -15.91 -3.22
CA ASN B 202 -11.94 -17.35 -3.44
C ASN B 202 -10.90 -18.03 -2.54
N SER B 203 -9.93 -17.28 -2.01
CA SER B 203 -8.80 -17.91 -1.29
C SER B 203 -8.92 -17.72 0.25
N LYS B 204 -9.17 -18.82 0.94
CA LYS B 204 -9.27 -18.79 2.40
C LYS B 204 -7.94 -18.30 2.99
N LYS B 205 -6.82 -18.76 2.42
CA LYS B 205 -5.49 -18.34 2.88
C LYS B 205 -5.31 -16.81 2.73
N PHE B 206 -5.59 -16.29 1.53
CA PHE B 206 -5.59 -14.82 1.31
C PHE B 206 -6.46 -14.03 2.30
N GLN B 207 -7.73 -14.44 2.40
CA GLN B 207 -8.67 -13.89 3.36
C GLN B 207 -8.08 -13.83 4.79
N LEU B 208 -7.43 -14.92 5.21
CA LEU B 208 -6.88 -14.95 6.53
C LEU B 208 -5.67 -14.00 6.69
N LEU B 209 -4.89 -13.78 5.64
CA LEU B 209 -3.63 -13.02 5.74
C LEU B 209 -3.78 -11.53 5.46
N VAL B 210 -4.88 -11.15 4.80
CA VAL B 210 -5.07 -9.76 4.41
C VAL B 210 -5.85 -8.89 5.41
N GLU B 211 -5.48 -7.62 5.45
CA GLU B 211 -6.29 -6.60 6.12
C GLU B 211 -7.35 -6.08 5.11
N SER B 212 -8.62 -6.45 5.28
CA SER B 212 -9.61 -6.31 4.20
C SER B 212 -10.11 -4.88 4.07
N ASN B 213 -10.16 -4.12 5.16
CA ASN B 213 -10.46 -2.68 5.07
C ASN B 213 -9.42 -1.96 4.24
N LYS B 214 -8.15 -2.24 4.51
CA LYS B 214 -7.08 -1.58 3.78
C LYS B 214 -7.08 -2.04 2.34
N LEU B 215 -7.42 -3.31 2.12
CA LEU B 215 -7.43 -3.86 0.75
C LEU B 215 -8.44 -3.09 -0.08
N SER B 216 -9.61 -2.87 0.53
CA SER B 216 -10.71 -2.17 -0.09
C SER B 216 -10.30 -0.79 -0.54
N LYS B 217 -9.59 -0.06 0.31
CA LYS B 217 -9.12 1.28 -0.02
C LYS B 217 -8.07 1.24 -1.14
N ILE B 218 -7.17 0.25 -1.11
CA ILE B 218 -6.18 0.10 -2.18
C ILE B 218 -6.87 -0.21 -3.51
N MET B 219 -7.87 -1.10 -3.45
CA MET B 219 -8.66 -1.45 -4.65
C MET B 219 -9.37 -0.24 -5.24
N GLN B 220 -10.06 0.54 -4.40
CA GLN B 220 -10.73 1.78 -4.80
C GLN B 220 -9.75 2.78 -5.43
N ASP B 221 -8.60 3.03 -4.77
CA ASP B 221 -7.55 3.87 -5.35
C ASP B 221 -7.04 3.38 -6.72
N ASP B 222 -6.67 2.09 -6.81
CA ASP B 222 -6.31 1.46 -8.07
C ASP B 222 -7.39 1.79 -9.12
N LEU B 223 -8.66 1.58 -8.77
CA LEU B 223 -9.76 1.78 -9.71
C LEU B 223 -9.90 3.24 -10.12
N ASN B 224 -9.83 4.15 -9.16
CA ASN B 224 -9.78 5.59 -9.45
C ASN B 224 -8.64 6.00 -10.39
N ARG B 225 -7.43 5.49 -10.15
CA ARG B 225 -6.31 5.70 -11.06
C ARG B 225 -6.62 5.18 -12.47
N TYR B 226 -7.08 3.94 -12.57
CA TYR B 226 -7.17 3.28 -13.88
C TYR B 226 -8.30 3.72 -14.82
N THR B 227 -9.38 4.26 -14.27
CA THR B 227 -10.53 4.63 -15.07
C THR B 227 -10.58 6.15 -15.42
S SO4 C . -2.69 3.46 6.29
O1 SO4 C . -2.67 4.03 7.64
O2 SO4 C . -1.52 2.61 6.08
O3 SO4 C . -3.94 2.69 6.16
O4 SO4 C . -2.63 4.52 5.29
S SO4 D . 9.57 19.19 -3.67
O1 SO4 D . 10.24 19.87 -2.57
O2 SO4 D . 9.06 17.92 -3.16
O3 SO4 D . 8.47 20.02 -4.21
O4 SO4 D . 10.53 18.91 -4.74
S SO4 E . 17.81 5.10 22.03
O1 SO4 E . 18.79 5.66 21.08
O2 SO4 E . 18.48 5.01 23.34
O3 SO4 E . 16.61 5.94 22.11
O4 SO4 E . 17.39 3.78 21.57
S SO4 F . -7.45 -21.69 -0.34
O1 SO4 F . -6.72 -20.83 0.58
O2 SO4 F . -7.19 -23.09 0.06
O3 SO4 F . -8.91 -21.43 -0.24
O4 SO4 F . -6.94 -21.47 -1.70
S SO4 G . -19.73 -1.00 -18.45
O1 SO4 G . -18.64 -0.70 -17.52
O2 SO4 G . -19.70 -2.44 -18.73
O3 SO4 G . -20.99 -0.65 -17.79
O4 SO4 G . -19.59 -0.26 -19.71
#